data_3G9A
#
_entry.id   3G9A
#
_cell.length_a   50.780
_cell.length_b   81.620
_cell.length_c   94.480
_cell.angle_alpha   90.00
_cell.angle_beta   90.00
_cell.angle_gamma   90.00
#
_symmetry.space_group_name_H-M   'P 21 21 21'
#
loop_
_entity.id
_entity.type
_entity.pdbx_description
1 polymer 'Green fluorescent protein'
2 polymer Minimizer
3 water water
#
loop_
_entity_poly.entity_id
_entity_poly.type
_entity_poly.pdbx_seq_one_letter_code
_entity_poly.pdbx_strand_id
1 'polypeptide(L)'
;MGKGEELFTGVVPILVELDGDVNGHKFSVSGEGEGDATYGKLTLKFICTTGKLPVPWPTLVTTF(GYS)VQCFSRYPDHM
KRHDFFKSAMPEGYVQERTISFKDDGNYKTRAEVKFEGDTLVNRIELKGIDFKEDGNILGHKLEYNYNSHNVYITADKQK
NGIKANFKIRHNIEDGSVQLADHYQQNTPIGDGPVLLPDNHYLSTQSALSKDPNEKRDHMVLLEFVTAAGITHGMDELYK
;
A
2 'polypeptide(L)'
;MADVQLQESGGGSVQAGGSLRLSCAASGDTFSSYSMAWFRQAPGKECELVSNILRDGTTTYAGSVKGRFTISRDDAKNTV
YLQMVNLKSEDTARYYCAADSGTQLGYVGAVGLSCLDYVMDYWGKGTQVTVSSHHHHHH
;
B
#
# COMPACT_ATOMS: atom_id res chain seq x y z
N GLY A 2 10.05 7.92 22.84
CA GLY A 2 8.68 7.69 23.25
C GLY A 2 8.50 6.35 23.95
N LYS A 3 7.51 6.28 24.85
CA LYS A 3 7.23 5.06 25.58
C LYS A 3 6.94 3.91 24.62
N GLY A 4 6.10 4.18 23.61
CA GLY A 4 5.75 3.17 22.63
C GLY A 4 6.95 2.60 21.91
N GLU A 5 7.73 3.49 21.30
CA GLU A 5 8.96 3.12 20.61
C GLU A 5 9.90 2.27 21.47
N GLU A 6 10.02 2.61 22.75
CA GLU A 6 10.94 1.87 23.63
C GLU A 6 10.56 0.40 23.79
N LEU A 7 9.29 0.07 23.58
CA LEU A 7 8.82 -1.30 23.73
C LEU A 7 9.36 -2.22 22.64
N PHE A 8 9.99 -1.65 21.62
CA PHE A 8 10.37 -2.42 20.44
C PHE A 8 11.87 -2.50 20.20
N THR A 9 12.67 -2.07 21.16
CA THR A 9 14.12 -2.03 20.96
C THR A 9 14.77 -3.42 20.96
N GLY A 10 14.05 -4.39 21.49
CA GLY A 10 14.54 -5.76 21.52
C GLY A 10 13.61 -6.71 20.79
N VAL A 11 13.81 -8.00 20.99
CA VAL A 11 12.99 -9.03 20.38
C VAL A 11 11.71 -9.17 21.17
N VAL A 12 10.57 -9.11 20.48
CA VAL A 12 9.26 -9.12 21.11
C VAL A 12 8.46 -10.33 20.62
N PRO A 13 7.92 -11.14 21.55
CA PRO A 13 7.08 -12.28 21.15
C PRO A 13 5.79 -11.80 20.52
N ILE A 14 5.32 -12.53 19.51
CA ILE A 14 4.10 -12.17 18.80
C ILE A 14 3.13 -13.35 18.78
N LEU A 15 1.86 -13.05 18.98
CA LEU A 15 0.79 -14.03 18.82
C LEU A 15 -0.21 -13.49 17.83
N VAL A 16 -0.63 -14.33 16.88
CA VAL A 16 -1.63 -13.93 15.92
C VAL A 16 -2.80 -14.92 15.99
N GLU A 17 -4.01 -14.40 16.00
CA GLU A 17 -5.21 -15.23 16.07
C GLU A 17 -6.24 -14.72 15.09
N LEU A 18 -6.71 -15.61 14.23
CA LEU A 18 -7.68 -15.20 13.21
C LEU A 18 -8.86 -16.16 13.15
N ASP A 19 -10.06 -15.59 13.10
CA ASP A 19 -11.26 -16.35 12.79
C ASP A 19 -11.77 -15.84 11.46
N GLY A 20 -12.05 -16.77 10.54
CA GLY A 20 -12.42 -16.39 9.19
C GLY A 20 -13.68 -17.06 8.71
N ASP A 21 -14.37 -16.39 7.79
CA ASP A 21 -15.55 -16.95 7.13
C ASP A 21 -15.50 -16.42 5.69
N VAL A 22 -15.21 -17.30 4.74
CA VAL A 22 -15.12 -16.89 3.36
C VAL A 22 -16.15 -17.69 2.56
N ASN A 23 -17.15 -17.01 2.03
CA ASN A 23 -18.24 -17.68 1.30
C ASN A 23 -18.87 -18.77 2.15
N GLY A 24 -18.92 -18.57 3.46
CA GLY A 24 -19.50 -19.55 4.36
C GLY A 24 -18.55 -20.63 4.82
N HIS A 25 -17.34 -20.65 4.25
CA HIS A 25 -16.31 -21.59 4.70
C HIS A 25 -15.62 -21.03 5.93
N LYS A 26 -15.84 -21.65 7.08
CA LYS A 26 -15.30 -21.15 8.35
C LYS A 26 -13.94 -21.76 8.64
N PHE A 27 -13.03 -20.97 9.21
CA PHE A 27 -11.71 -21.45 9.58
C PHE A 27 -11.10 -20.59 10.66
N SER A 28 -10.12 -21.15 11.36
CA SER A 28 -9.38 -20.42 12.39
C SER A 28 -7.89 -20.67 12.21
N VAL A 29 -7.08 -19.65 12.51
CA VAL A 29 -5.65 -19.76 12.41
C VAL A 29 -4.99 -19.20 13.66
N SER A 30 -4.02 -19.94 14.19
CA SER A 30 -3.20 -19.47 15.30
C SER A 30 -1.75 -19.33 14.87
N GLY A 31 -1.13 -18.21 15.18
CA GLY A 31 0.27 -18.01 14.84
C GLY A 31 1.11 -17.58 16.03
N GLU A 32 2.40 -17.91 15.96
CA GLU A 32 3.36 -17.55 16.99
C GLU A 32 4.66 -17.14 16.31
N GLY A 33 5.37 -16.21 16.90
CA GLY A 33 6.69 -15.89 16.42
C GLY A 33 7.26 -14.75 17.21
N GLU A 34 8.10 -13.95 16.55
CA GLU A 34 8.70 -12.82 17.22
C GLU A 34 9.07 -11.74 16.22
N GLY A 35 9.24 -10.52 16.72
CA GLY A 35 9.59 -9.41 15.86
C GLY A 35 10.77 -8.65 16.46
N ASP A 36 11.60 -8.13 15.57
CA ASP A 36 12.82 -7.42 15.97
C ASP A 36 12.86 -6.15 15.10
N ALA A 37 12.18 -5.11 15.58
CA ALA A 37 11.98 -3.89 14.78
C ALA A 37 13.29 -3.18 14.46
N THR A 38 14.30 -3.42 15.27
CA THR A 38 15.62 -2.86 15.01
C THR A 38 16.08 -3.23 13.60
N TYR A 39 15.63 -4.39 13.12
CA TYR A 39 16.00 -4.89 11.80
C TYR A 39 14.79 -5.03 10.89
N GLY A 40 13.63 -4.54 11.36
CA GLY A 40 12.36 -4.69 10.65
C GLY A 40 12.03 -6.15 10.35
N LYS A 41 12.44 -7.02 11.27
CA LYS A 41 12.40 -8.46 10.99
C LYS A 41 11.28 -9.18 11.72
N LEU A 42 10.51 -9.97 10.97
CA LEU A 42 9.45 -10.80 11.53
C LEU A 42 9.65 -12.26 11.16
N THR A 43 9.50 -13.13 12.14
CA THR A 43 9.50 -14.57 11.91
C THR A 43 8.23 -15.12 12.55
N LEU A 44 7.36 -15.72 11.74
CA LEU A 44 6.06 -16.16 12.21
C LEU A 44 5.66 -17.49 11.60
N LYS A 45 5.04 -18.35 12.41
CA LYS A 45 4.49 -19.60 11.89
C LYS A 45 3.00 -19.66 12.23
N PHE A 46 2.19 -19.86 11.19
CA PHE A 46 0.75 -19.90 11.32
C PHE A 46 0.21 -21.30 11.08
N ILE A 47 -0.72 -21.75 11.92
CA ILE A 47 -1.32 -23.07 11.77
C ILE A 47 -2.84 -22.95 11.64
N CYS A 48 -3.42 -23.61 10.64
CA CYS A 48 -4.87 -23.67 10.55
C CYS A 48 -5.35 -24.72 11.56
N THR A 49 -6.11 -24.28 12.55
CA THR A 49 -6.50 -25.17 13.63
C THR A 49 -7.82 -25.89 13.34
N THR A 50 -8.42 -25.59 12.20
CA THR A 50 -9.70 -26.18 11.84
C THR A 50 -9.56 -27.17 10.68
N GLY A 51 -8.32 -27.51 10.36
CA GLY A 51 -8.05 -28.45 9.29
C GLY A 51 -7.43 -27.76 8.09
N LYS A 52 -8.01 -27.96 6.91
CA LYS A 52 -7.48 -27.37 5.69
C LYS A 52 -7.93 -25.92 5.54
N LEU A 53 -6.99 -25.02 5.26
CA LEU A 53 -7.34 -23.63 5.00
C LEU A 53 -8.11 -23.55 3.67
N PRO A 54 -9.28 -22.89 3.66
CA PRO A 54 -10.11 -22.87 2.45
C PRO A 54 -9.71 -21.78 1.45
N VAL A 55 -8.73 -20.98 1.80
CA VAL A 55 -8.16 -19.97 0.90
C VAL A 55 -6.65 -20.17 0.88
N PRO A 56 -5.97 -19.59 -0.12
CA PRO A 56 -4.52 -19.79 -0.19
C PRO A 56 -3.80 -19.02 0.90
N TRP A 57 -2.80 -19.64 1.50
CA TRP A 57 -1.99 -18.95 2.51
C TRP A 57 -1.50 -17.57 2.08
N PRO A 58 -1.01 -17.44 0.83
CA PRO A 58 -0.48 -16.12 0.47
C PRO A 58 -1.54 -15.01 0.55
N THR A 59 -2.81 -15.35 0.41
CA THR A 59 -3.85 -14.30 0.41
C THR A 59 -4.07 -13.71 1.80
N LEU A 60 -3.53 -14.37 2.82
CA LEU A 60 -3.70 -13.94 4.21
C LEU A 60 -2.46 -13.27 4.81
N VAL A 61 -1.37 -13.23 4.06
CA VAL A 61 -0.13 -12.65 4.56
C VAL A 61 -0.33 -11.23 5.09
N THR A 62 -0.97 -10.35 4.32
CA THR A 62 -1.08 -8.95 4.76
C THR A 62 -2.00 -8.82 5.97
N THR A 63 -2.93 -9.75 6.10
CA THR A 63 -3.85 -9.73 7.24
C THR A 63 -3.15 -10.20 8.52
N PHE A 64 -2.41 -11.30 8.44
CA PHE A 64 -1.64 -11.80 9.57
C PHE A 64 -0.57 -10.79 9.97
N1 GYS A 65 0.22 -10.35 8.99
OG1 GYS A 65 3.77 -9.61 8.93
CB1 GYS A 65 2.74 -10.22 8.74
CA1 GYS A 65 1.44 -9.59 9.19
C1 GYS A 65 1.17 -8.25 8.50
N2 GYS A 65 1.57 -7.88 7.13
N3 GYS A 65 0.31 -7.20 9.04
C2 GYS A 65 0.19 -6.18 8.04
O2 GYS A 65 -0.54 -5.01 8.16
CA2 GYS A 65 0.96 -6.60 6.86
CA3 GYS A 65 -0.61 -7.30 10.15
CB2 GYS A 65 1.07 -5.70 5.68
CG2 GYS A 65 1.79 -6.22 4.47
CD1 GYS A 65 2.57 -7.52 4.41
CD2 GYS A 65 1.76 -5.24 3.31
CE1 GYS A 65 3.33 -7.84 3.12
CE2 GYS A 65 2.50 -5.57 2.05
CZ GYS A 65 3.28 -6.86 1.96
OH GYS A 65 3.95 -7.11 0.78
C3 GYS A 65 -0.09 -6.57 11.38
O3 GYS A 65 -0.87 -6.19 12.18
N VAL A 66 1.25 -6.60 11.44
CA VAL A 66 1.90 -6.06 12.65
C VAL A 66 3.00 -5.06 12.28
N GLN A 67 2.57 -3.99 11.64
CA GLN A 67 3.48 -3.02 11.05
C GLN A 67 4.19 -2.17 12.09
N CYS A 68 3.84 -2.37 13.36
CA CYS A 68 4.62 -1.81 14.45
C CYS A 68 6.04 -2.39 14.48
N PHE A 69 6.29 -3.47 13.76
CA PHE A 69 7.64 -4.03 13.70
C PHE A 69 8.48 -3.52 12.54
N SER A 70 7.94 -2.55 11.81
CA SER A 70 8.67 -1.89 10.73
C SER A 70 9.93 -1.23 11.28
N ARG A 71 11.00 -1.28 10.52
CA ARG A 71 12.16 -0.49 10.88
C ARG A 71 12.00 0.93 10.35
N TYR A 72 11.81 1.88 11.26
CA TYR A 72 11.83 3.29 10.87
C TYR A 72 13.24 3.81 11.08
N PRO A 73 13.90 4.22 9.98
CA PRO A 73 15.23 4.83 10.11
C PRO A 73 15.17 5.98 11.11
N ASP A 74 16.27 6.23 11.80
CA ASP A 74 16.28 7.25 12.84
C ASP A 74 15.72 8.58 12.32
N HIS A 75 16.10 8.97 11.12
CA HIS A 75 15.66 10.27 10.61
C HIS A 75 14.15 10.32 10.33
N MET A 76 13.50 9.17 10.35
CA MET A 76 12.06 9.09 10.11
C MET A 76 11.25 8.74 11.34
N LYS A 77 11.89 8.72 12.50
CA LYS A 77 11.21 8.19 13.70
C LYS A 77 9.93 8.92 14.06
N ARG A 78 9.84 10.20 13.74
CA ARG A 78 8.64 10.94 14.11
C ARG A 78 7.44 10.55 13.25
N HIS A 79 7.65 9.70 12.26
CA HIS A 79 6.57 9.27 11.37
C HIS A 79 6.00 7.89 11.71
N ASP A 80 6.46 7.30 12.82
CA ASP A 80 6.06 5.94 13.17
C ASP A 80 4.79 5.94 14.03
N PHE A 81 3.64 5.97 13.36
CA PHE A 81 2.38 5.94 14.08
C PHE A 81 2.20 4.65 14.87
N PHE A 82 2.58 3.53 14.26
CA PHE A 82 2.26 2.21 14.79
C PHE A 82 2.83 1.99 16.19
N LYS A 83 4.10 2.32 16.39
CA LYS A 83 4.68 2.16 17.71
C LYS A 83 4.15 3.20 18.69
N SER A 84 3.85 4.38 18.19
CA SER A 84 3.41 5.48 19.07
C SER A 84 2.10 5.14 19.77
N ALA A 85 1.33 4.23 19.18
CA ALA A 85 0.04 3.85 19.73
C ALA A 85 0.13 2.77 20.81
N MET A 86 1.33 2.25 21.02
CA MET A 86 1.53 1.18 22.00
C MET A 86 1.80 1.72 23.39
N PRO A 87 1.48 0.94 24.42
CA PRO A 87 0.98 -0.45 24.38
C PRO A 87 -0.53 -0.63 24.19
N GLU A 88 -1.32 0.44 24.30
CA GLU A 88 -2.77 0.30 24.21
C GLU A 88 -3.20 -0.25 22.85
N GLY A 89 -2.45 0.12 21.82
CA GLY A 89 -2.57 -0.48 20.50
C GLY A 89 -3.43 0.28 19.51
N TYR A 90 -3.74 -0.37 18.40
CA TYR A 90 -4.57 0.24 17.37
C TYR A 90 -5.52 -0.78 16.74
N VAL A 91 -6.60 -0.27 16.17
CA VAL A 91 -7.48 -1.08 15.34
C VAL A 91 -7.01 -0.96 13.90
N GLN A 92 -6.87 -2.09 13.22
CA GLN A 92 -6.50 -2.06 11.82
C GLN A 92 -7.63 -2.69 11.01
N GLU A 93 -8.21 -1.92 10.10
CA GLU A 93 -9.29 -2.42 9.26
C GLU A 93 -8.90 -2.39 7.80
N ARG A 94 -9.24 -3.45 7.08
CA ARG A 94 -9.01 -3.45 5.63
C ARG A 94 -10.20 -3.93 4.82
N THR A 95 -10.26 -3.47 3.57
CA THR A 95 -11.02 -4.16 2.54
C THR A 95 -9.99 -4.60 1.51
N ILE A 96 -9.96 -5.89 1.21
CA ILE A 96 -9.06 -6.44 0.21
C ILE A 96 -9.90 -6.98 -0.93
N SER A 97 -9.77 -6.34 -2.09
CA SER A 97 -10.59 -6.64 -3.25
C SER A 97 -9.79 -7.41 -4.29
N PHE A 98 -10.14 -8.67 -4.50
CA PHE A 98 -9.44 -9.48 -5.50
C PHE A 98 -10.06 -9.24 -6.86
N LYS A 99 -9.22 -8.87 -7.83
CA LYS A 99 -9.72 -8.46 -9.14
C LYS A 99 -10.56 -9.56 -9.78
N ASP A 100 -11.74 -9.19 -10.24
CA ASP A 100 -12.67 -10.11 -10.91
C ASP A 100 -13.08 -11.25 -9.99
N ASP A 101 -12.96 -11.04 -8.68
CA ASP A 101 -13.36 -12.05 -7.70
C ASP A 101 -13.90 -11.37 -6.44
N GLY A 102 -13.96 -12.12 -5.34
CA GLY A 102 -14.53 -11.63 -4.09
C GLY A 102 -13.66 -10.65 -3.30
N ASN A 103 -14.10 -10.31 -2.09
CA ASN A 103 -13.34 -9.43 -1.22
C ASN A 103 -13.29 -9.92 0.22
N TYR A 104 -12.18 -9.61 0.90
CA TYR A 104 -12.08 -9.81 2.34
C TYR A 104 -12.34 -8.47 3.01
N LYS A 105 -13.05 -8.49 4.14
CA LYS A 105 -13.06 -7.35 5.03
C LYS A 105 -12.51 -7.84 6.36
N THR A 106 -11.53 -7.11 6.89
CA THR A 106 -10.89 -7.52 8.12
C THR A 106 -10.95 -6.42 9.17
N ARG A 107 -11.13 -6.83 10.41
CA ARG A 107 -10.94 -5.95 11.55
C ARG A 107 -10.02 -6.64 12.55
N ALA A 108 -8.95 -5.96 12.93
CA ALA A 108 -7.98 -6.52 13.84
C ALA A 108 -7.67 -5.52 14.93
N GLU A 109 -7.34 -6.04 16.11
CA GLU A 109 -6.77 -5.22 17.18
C GLU A 109 -5.34 -5.67 17.41
N VAL A 110 -4.41 -4.72 17.39
CA VAL A 110 -2.99 -5.00 17.58
C VAL A 110 -2.58 -4.25 18.84
N LYS A 111 -2.17 -5.00 19.86
CA LYS A 111 -1.85 -4.38 21.14
C LYS A 111 -1.03 -5.33 21.97
N PHE A 112 -0.42 -4.82 23.04
CA PHE A 112 0.32 -5.68 23.95
C PHE A 112 -0.62 -6.36 24.95
N GLU A 113 -0.35 -7.64 25.18
CA GLU A 113 -0.89 -8.36 26.32
C GLU A 113 0.33 -8.79 27.12
N GLY A 114 0.61 -8.08 28.21
CA GLY A 114 1.87 -8.29 28.90
C GLY A 114 3.00 -7.86 27.99
N ASP A 115 4.00 -8.72 27.82
CA ASP A 115 5.18 -8.43 27.02
CA ASP A 115 5.15 -8.35 27.00
C ASP A 115 5.03 -8.89 25.58
N THR A 116 3.86 -9.40 25.24
CA THR A 116 3.63 -10.03 23.94
C THR A 116 2.74 -9.16 23.04
N LEU A 117 3.18 -8.98 21.79
CA LEU A 117 2.42 -8.19 20.84
C LEU A 117 1.41 -9.11 20.18
N VAL A 118 0.13 -8.77 20.31
CA VAL A 118 -0.95 -9.63 19.84
C VAL A 118 -1.72 -8.99 18.69
N ASN A 119 -1.99 -9.80 17.67
CA ASN A 119 -2.82 -9.39 16.54
C ASN A 119 -4.05 -10.30 16.51
N ARG A 120 -5.21 -9.78 16.94
CA ARG A 120 -6.47 -10.55 16.92
C ARG A 120 -7.33 -10.08 15.77
N ILE A 121 -7.68 -11.00 14.86
CA ILE A 121 -8.32 -10.65 13.60
C ILE A 121 -9.65 -11.37 13.37
N GLU A 122 -10.65 -10.64 12.88
CA GLU A 122 -11.86 -11.26 12.33
C GLU A 122 -11.91 -10.95 10.84
N LEU A 123 -12.14 -11.97 10.02
CA LEU A 123 -12.14 -11.79 8.57
C LEU A 123 -13.42 -12.35 7.97
N LYS A 124 -14.02 -11.59 7.06
CA LYS A 124 -15.21 -12.02 6.35
C LYS A 124 -14.96 -11.86 4.86
N GLY A 125 -15.15 -12.95 4.12
CA GLY A 125 -14.99 -12.93 2.67
C GLY A 125 -16.31 -13.24 2.00
N ILE A 126 -16.67 -12.46 0.99
CA ILE A 126 -17.91 -12.69 0.25
C ILE A 126 -17.70 -12.55 -1.25
N ASP A 127 -18.64 -13.12 -2.00
CA ASP A 127 -18.69 -12.98 -3.46
C ASP A 127 -17.51 -13.61 -4.20
N PHE A 128 -16.88 -14.60 -3.59
CA PHE A 128 -15.83 -15.33 -4.29
C PHE A 128 -16.40 -16.38 -5.25
N LYS A 129 -15.62 -16.69 -6.28
CA LYS A 129 -15.92 -17.79 -7.18
C LYS A 129 -15.29 -19.06 -6.65
N GLU A 130 -16.07 -20.12 -6.49
CA GLU A 130 -15.49 -21.41 -6.11
C GLU A 130 -14.48 -21.89 -7.16
N ASP A 131 -14.67 -21.41 -8.39
CA ASP A 131 -13.84 -21.79 -9.54
C ASP A 131 -12.67 -20.83 -9.71
N GLY A 132 -12.58 -19.82 -8.84
CA GLY A 132 -11.60 -18.76 -9.00
C GLY A 132 -10.23 -19.07 -8.41
N ASN A 133 -9.32 -18.11 -8.51
CA ASN A 133 -7.94 -18.32 -8.07
C ASN A 133 -7.83 -18.50 -6.56
N ILE A 134 -8.77 -17.93 -5.83
CA ILE A 134 -8.71 -17.97 -4.37
C ILE A 134 -9.31 -19.27 -3.83
N LEU A 135 -10.61 -19.46 -4.01
CA LEU A 135 -11.23 -20.67 -3.48
C LEU A 135 -10.77 -21.92 -4.22
N GLY A 136 -10.27 -21.74 -5.45
CA GLY A 136 -9.72 -22.84 -6.20
C GLY A 136 -8.25 -23.14 -5.95
N HIS A 137 -7.62 -22.38 -5.04
CA HIS A 137 -6.21 -22.59 -4.72
C HIS A 137 -5.29 -22.62 -5.93
N LYS A 138 -5.32 -21.54 -6.72
CA LYS A 138 -4.50 -21.47 -7.92
C LYS A 138 -3.32 -20.51 -7.81
N LEU A 139 -3.07 -20.00 -6.60
CA LEU A 139 -1.95 -19.09 -6.39
C LEU A 139 -0.69 -19.87 -6.09
N GLU A 140 0.44 -19.37 -6.60
CA GLU A 140 1.74 -19.94 -6.28
CA GLU A 140 1.71 -19.98 -6.26
C GLU A 140 2.04 -19.70 -4.81
N TYR A 141 2.83 -20.57 -4.22
CA TYR A 141 3.24 -20.40 -2.83
C TYR A 141 4.53 -19.56 -2.78
N ASN A 142 4.39 -18.28 -3.10
CA ASN A 142 5.48 -17.35 -3.05
C ASN A 142 4.92 -15.95 -2.83
N TYR A 143 5.80 -14.96 -2.84
CA TYR A 143 5.36 -13.60 -2.52
C TYR A 143 6.35 -12.59 -3.04
N ASN A 144 5.83 -11.55 -3.68
CA ASN A 144 6.67 -10.50 -4.25
C ASN A 144 6.89 -9.38 -3.24
N SER A 145 7.89 -8.55 -3.47
CA SER A 145 8.11 -7.35 -2.66
C SER A 145 7.07 -6.30 -3.01
N HIS A 146 6.57 -5.58 -2.01
CA HIS A 146 5.58 -4.54 -2.25
C HIS A 146 5.79 -3.36 -1.33
N ASN A 147 5.39 -2.18 -1.80
CA ASN A 147 5.33 -0.99 -0.95
C ASN A 147 3.91 -0.74 -0.44
N VAL A 148 3.84 -0.22 0.78
CA VAL A 148 2.58 0.15 1.42
C VAL A 148 2.56 1.66 1.57
N TYR A 149 1.60 2.34 0.94
CA TYR A 149 1.58 3.79 0.90
C TYR A 149 0.72 4.40 1.98
N ILE A 150 1.36 5.13 2.88
CA ILE A 150 0.71 5.65 4.08
C ILE A 150 0.40 7.14 3.98
N THR A 151 -0.83 7.49 4.34
CA THR A 151 -1.27 8.88 4.43
C THR A 151 -1.88 9.12 5.81
N ALA A 152 -1.74 10.33 6.35
CA ALA A 152 -2.27 10.59 7.68
C ALA A 152 -3.79 10.75 7.63
N ASP A 153 -4.45 10.46 8.74
CA ASP A 153 -5.89 10.70 8.89
C ASP A 153 -6.13 11.49 10.17
N LYS A 154 -5.80 12.77 10.14
CA LYS A 154 -5.89 13.63 11.33
C LYS A 154 -7.25 13.54 12.03
N GLN A 155 -8.31 13.42 11.25
CA GLN A 155 -9.67 13.39 11.81
C GLN A 155 -9.90 12.23 12.77
N LYS A 156 -9.30 11.08 12.48
CA LYS A 156 -9.46 9.90 13.32
C LYS A 156 -8.24 9.70 14.23
N ASN A 157 -7.33 10.67 14.21
CA ASN A 157 -6.10 10.58 14.98
C ASN A 157 -5.34 9.30 14.62
N GLY A 158 -5.33 8.96 13.34
CA GLY A 158 -4.68 7.76 12.88
C GLY A 158 -4.11 7.91 11.49
N ILE A 159 -4.04 6.80 10.77
CA ILE A 159 -3.51 6.79 9.42
C ILE A 159 -4.38 5.94 8.52
N LYS A 160 -4.16 6.09 7.22
CA LYS A 160 -4.73 5.18 6.23
C LYS A 160 -3.60 4.68 5.35
N ALA A 161 -3.85 3.61 4.61
CA ALA A 161 -2.87 3.14 3.65
C ALA A 161 -3.58 2.52 2.46
N ASN A 162 -2.90 2.52 1.31
CA ASN A 162 -3.38 1.78 0.16
C ASN A 162 -2.23 1.22 -0.62
N PHE A 163 -2.50 0.15 -1.34
CA PHE A 163 -1.52 -0.55 -2.14
C PHE A 163 -2.21 -1.71 -2.78
N LYS A 164 -1.57 -2.31 -3.79
CA LYS A 164 -2.09 -3.55 -4.33
C LYS A 164 -1.03 -4.62 -4.21
N ILE A 165 -1.46 -5.84 -3.94
CA ILE A 165 -0.57 -6.98 -3.92
C ILE A 165 -0.70 -7.73 -5.23
N ARG A 166 0.43 -8.13 -5.81
CA ARG A 166 0.44 -8.95 -7.00
CA ARG A 166 0.43 -8.95 -7.01
C ARG A 166 0.70 -10.40 -6.60
N HIS A 167 -0.31 -11.26 -6.71
CA HIS A 167 -0.16 -12.68 -6.38
C HIS A 167 0.11 -13.48 -7.65
N ASN A 168 1.24 -14.17 -7.71
CA ASN A 168 1.52 -14.97 -8.89
C ASN A 168 0.56 -16.16 -9.00
N ILE A 169 0.02 -16.38 -10.19
CA ILE A 169 -0.91 -17.49 -10.42
C ILE A 169 -0.19 -18.66 -11.07
N GLU A 170 -0.70 -19.87 -10.83
CA GLU A 170 0.00 -21.09 -11.27
CA GLU A 170 -0.05 -21.11 -11.27
C GLU A 170 0.16 -21.19 -12.78
N ASP A 171 -0.67 -20.48 -13.54
CA ASP A 171 -0.59 -20.55 -14.99
C ASP A 171 0.30 -19.47 -15.59
N GLY A 172 0.98 -18.70 -14.74
CA GLY A 172 1.89 -17.67 -15.20
C GLY A 172 1.33 -16.26 -15.13
N SER A 173 0.03 -16.14 -14.89
CA SER A 173 -0.59 -14.82 -14.79
C SER A 173 -0.43 -14.25 -13.38
N VAL A 174 -0.98 -13.06 -13.16
CA VAL A 174 -0.96 -12.42 -11.85
C VAL A 174 -2.37 -12.01 -11.41
N GLN A 175 -2.67 -12.22 -10.13
CA GLN A 175 -3.95 -11.85 -9.55
C GLN A 175 -3.72 -10.65 -8.64
N LEU A 176 -4.42 -9.55 -8.91
CA LEU A 176 -4.25 -8.34 -8.09
C LEU A 176 -5.19 -8.35 -6.90
N ALA A 177 -4.69 -7.83 -5.77
CA ALA A 177 -5.50 -7.69 -4.57
C ALA A 177 -5.36 -6.26 -4.08
N ASP A 178 -6.38 -5.45 -4.33
CA ASP A 178 -6.35 -4.05 -3.93
C ASP A 178 -6.63 -3.93 -2.44
N HIS A 179 -5.78 -3.18 -1.74
CA HIS A 179 -5.91 -3.02 -0.30
C HIS A 179 -6.29 -1.60 0.08
N TYR A 180 -7.38 -1.47 0.83
CA TYR A 180 -7.70 -0.22 1.54
C TYR A 180 -7.48 -0.50 3.02
N GLN A 181 -6.76 0.38 3.70
CA GLN A 181 -6.39 0.14 5.09
C GLN A 181 -6.64 1.38 5.94
N GLN A 182 -7.19 1.19 7.13
CA GLN A 182 -7.26 2.28 8.11
C GLN A 182 -6.82 1.81 9.50
N ASN A 183 -6.11 2.69 10.20
CA ASN A 183 -5.62 2.39 11.54
C ASN A 183 -6.02 3.50 12.48
N THR A 184 -6.61 3.13 13.61
CA THR A 184 -7.01 4.11 14.60
CA THR A 184 -7.08 4.08 14.61
C THR A 184 -6.58 3.64 15.98
N PRO A 185 -6.07 4.57 16.80
CA PRO A 185 -5.60 4.18 18.13
C PRO A 185 -6.73 3.68 19.02
N ILE A 186 -6.42 2.70 19.86
CA ILE A 186 -7.38 2.22 20.85
C ILE A 186 -7.41 3.16 22.05
N GLY A 187 -6.24 3.61 22.46
CA GLY A 187 -6.15 4.57 23.55
C GLY A 187 -6.54 5.97 23.10
N ASP A 188 -6.74 6.86 24.07
CA ASP A 188 -7.13 8.24 23.78
C ASP A 188 -5.96 9.20 23.88
N GLY A 189 -4.77 8.67 24.16
CA GLY A 189 -3.57 9.47 24.32
C GLY A 189 -2.95 9.91 23.00
N PRO A 190 -1.80 10.59 23.07
CA PRO A 190 -1.20 11.14 21.86
C PRO A 190 -0.56 10.06 21.00
N VAL A 191 -0.60 10.26 19.69
CA VAL A 191 0.11 9.40 18.75
C VAL A 191 0.87 10.29 17.78
N LEU A 192 1.78 9.69 17.01
CA LEU A 192 2.48 10.43 15.96
C LEU A 192 1.69 10.36 14.67
N LEU A 193 1.43 11.52 14.07
CA LEU A 193 0.80 11.55 12.76
C LEU A 193 1.87 11.84 11.72
N PRO A 194 2.03 10.93 10.75
CA PRO A 194 3.15 10.99 9.82
C PRO A 194 2.88 11.86 8.62
N ASP A 195 3.94 12.28 7.96
CA ASP A 195 3.86 12.78 6.61
C ASP A 195 3.76 11.56 5.71
N ASN A 196 3.40 11.75 4.45
CA ASN A 196 3.28 10.62 3.53
C ASN A 196 4.60 9.89 3.40
N HIS A 197 4.53 8.56 3.45
CA HIS A 197 5.70 7.74 3.24
C HIS A 197 5.24 6.32 2.93
N TYR A 198 6.18 5.41 2.73
CA TYR A 198 5.79 4.03 2.45
C TYR A 198 6.61 3.01 3.24
N LEU A 199 6.05 1.82 3.37
CA LEU A 199 6.78 0.71 3.96
C LEU A 199 7.17 -0.25 2.85
N SER A 200 8.47 -0.54 2.74
CA SER A 200 8.94 -1.50 1.75
C SER A 200 8.98 -2.88 2.41
N THR A 201 8.26 -3.84 1.84
CA THR A 201 8.05 -5.10 2.52
C THR A 201 8.45 -6.28 1.64
N GLN A 202 9.31 -7.14 2.15
CA GLN A 202 9.69 -8.37 1.48
C GLN A 202 9.26 -9.55 2.34
N SER A 203 8.63 -10.53 1.71
CA SER A 203 8.07 -11.66 2.43
C SER A 203 8.50 -12.97 1.78
N ALA A 204 8.91 -13.94 2.59
CA ALA A 204 9.30 -15.24 2.08
C ALA A 204 8.47 -16.31 2.76
N LEU A 205 7.85 -17.18 1.97
CA LEU A 205 6.97 -18.21 2.52
C LEU A 205 7.63 -19.58 2.45
N SER A 206 7.47 -20.36 3.51
CA SER A 206 8.08 -21.68 3.55
C SER A 206 7.24 -22.66 4.39
N LYS A 207 7.74 -23.88 4.55
CA LYS A 207 7.05 -24.88 5.34
C LYS A 207 8.00 -25.43 6.38
N ASP A 208 7.44 -25.78 7.55
CA ASP A 208 8.19 -26.43 8.62
C ASP A 208 8.20 -27.92 8.31
N PRO A 209 9.39 -28.49 8.06
CA PRO A 209 9.47 -29.89 7.59
C PRO A 209 8.84 -30.88 8.57
N ASN A 210 8.75 -30.52 9.85
CA ASN A 210 8.21 -31.42 10.85
C ASN A 210 6.74 -31.17 11.19
N GLU A 211 6.08 -30.36 10.38
CA GLU A 211 4.69 -29.99 10.64
C GLU A 211 3.74 -30.70 9.68
N LYS A 212 2.82 -31.48 10.22
CA LYS A 212 1.84 -32.20 9.41
C LYS A 212 0.58 -31.39 9.13
N ARG A 213 0.29 -30.41 9.99
CA ARG A 213 -0.90 -29.57 9.81
C ARG A 213 -0.70 -28.59 8.66
N ASP A 214 -1.81 -28.04 8.16
CA ASP A 214 -1.76 -27.02 7.12
C ASP A 214 -1.25 -25.75 7.79
N HIS A 215 -0.21 -25.15 7.24
CA HIS A 215 0.47 -24.07 7.93
C HIS A 215 1.30 -23.24 6.97
N MET A 216 1.82 -22.11 7.48
CA MET A 216 2.72 -21.26 6.70
C MET A 216 3.80 -20.70 7.62
N VAL A 217 5.04 -20.79 7.18
CA VAL A 217 6.14 -20.10 7.84
C VAL A 217 6.43 -18.83 7.03
N LEU A 218 6.47 -17.70 7.73
CA LEU A 218 6.72 -16.41 7.11
C LEU A 218 7.95 -15.72 7.67
N LEU A 219 8.87 -15.35 6.79
CA LEU A 219 10.00 -14.49 7.15
C LEU A 219 9.81 -13.20 6.39
N GLU A 220 9.75 -12.09 7.11
CA GLU A 220 9.41 -10.82 6.50
C GLU A 220 10.30 -9.68 7.01
N PHE A 221 10.64 -8.75 6.11
CA PHE A 221 11.38 -7.56 6.48
C PHE A 221 10.59 -6.34 6.02
N VAL A 222 10.43 -5.37 6.93
CA VAL A 222 9.64 -4.19 6.66
C VAL A 222 10.47 -2.98 7.02
N THR A 223 10.61 -2.06 6.08
CA THR A 223 11.45 -0.88 6.26
C THR A 223 10.70 0.36 5.79
N ALA A 224 10.60 1.36 6.65
CA ALA A 224 9.99 2.63 6.23
C ALA A 224 10.93 3.40 5.31
N ALA A 225 10.34 4.10 4.33
CA ALA A 225 11.11 4.82 3.33
C ALA A 225 10.30 5.95 2.72
N GLY A 226 10.93 6.68 1.81
CA GLY A 226 10.23 7.70 1.05
C GLY A 226 10.45 9.10 1.55
N ILE A 227 11.05 9.24 2.72
CA ILE A 227 11.39 10.55 3.27
CA ILE A 227 11.39 10.55 3.27
C ILE A 227 12.90 10.64 3.45
N THR A 228 13.50 11.72 2.97
CA THR A 228 14.95 11.90 3.07
C THR A 228 15.32 12.83 4.21
N VAL B 4 -8.19 0.67 -21.93
CA VAL B 4 -7.89 2.09 -21.91
C VAL B 4 -6.42 2.35 -22.28
N GLN B 5 -6.21 3.27 -23.21
CA GLN B 5 -4.88 3.76 -23.52
C GLN B 5 -4.80 5.19 -23.01
N LEU B 6 -3.65 5.57 -22.47
CA LEU B 6 -3.40 6.94 -22.03
C LEU B 6 -2.27 7.54 -22.87
N GLN B 7 -2.47 8.77 -23.35
CA GLN B 7 -1.46 9.44 -24.17
C GLN B 7 -1.17 10.84 -23.66
N GLU B 8 0.05 11.05 -23.18
CA GLU B 8 0.49 12.37 -22.74
C GLU B 8 0.95 13.24 -23.90
N SER B 9 0.77 14.54 -23.76
CA SER B 9 1.31 15.50 -24.70
C SER B 9 1.58 16.82 -23.98
N GLY B 10 2.23 17.76 -24.66
CA GLY B 10 2.42 19.08 -24.10
C GLY B 10 3.69 19.27 -23.31
N GLY B 11 4.60 18.29 -23.34
CA GLY B 11 5.87 18.40 -22.67
C GLY B 11 6.94 19.05 -23.54
N GLY B 12 8.19 18.71 -23.28
CA GLY B 12 9.29 19.25 -24.05
C GLY B 12 10.17 20.20 -23.26
N SER B 13 10.88 21.07 -23.98
CA SER B 13 11.82 21.98 -23.36
C SER B 13 11.14 23.29 -22.97
N VAL B 14 11.63 23.90 -21.90
CA VAL B 14 11.05 25.14 -21.42
C VAL B 14 12.08 25.87 -20.57
N GLN B 15 12.05 27.20 -20.61
CA GLN B 15 12.94 27.99 -19.77
C GLN B 15 12.46 27.95 -18.34
N ALA B 16 13.40 27.96 -17.40
CA ALA B 16 13.06 28.14 -15.99
C ALA B 16 12.26 29.44 -15.84
N GLY B 17 11.19 29.38 -15.06
CA GLY B 17 10.30 30.52 -14.88
C GLY B 17 9.13 30.48 -15.85
N GLY B 18 9.21 29.56 -16.80
CA GLY B 18 8.18 29.39 -17.79
C GLY B 18 7.07 28.46 -17.34
N SER B 19 6.16 28.16 -18.26
CA SER B 19 5.00 27.34 -17.94
C SER B 19 4.79 26.27 -19.00
N LEU B 20 4.13 25.18 -18.61
CA LEU B 20 3.77 24.12 -19.54
C LEU B 20 2.48 23.52 -19.06
N ARG B 21 1.63 23.09 -20.00
CA ARG B 21 0.42 22.38 -19.64
C ARG B 21 0.53 20.98 -20.21
N LEU B 22 0.69 19.98 -19.35
CA LEU B 22 0.65 18.61 -19.81
C LEU B 22 -0.79 18.17 -19.97
N SER B 23 -1.04 17.38 -21.01
CA SER B 23 -2.36 16.81 -21.23
C SER B 23 -2.21 15.31 -21.32
N CYS B 24 -3.25 14.60 -20.88
CA CYS B 24 -3.29 13.16 -21.01
C CYS B 24 -4.69 12.76 -21.44
N ALA B 25 -4.77 12.14 -22.62
CA ALA B 25 -6.05 11.73 -23.17
C ALA B 25 -6.26 10.23 -23.02
N ALA B 26 -7.43 9.84 -22.52
CA ALA B 26 -7.77 8.44 -22.35
C ALA B 26 -8.67 8.01 -23.49
N SER B 27 -8.50 6.76 -23.93
CA SER B 27 -9.39 6.18 -24.94
C SER B 27 -10.59 5.55 -24.25
N GLY B 28 -11.67 5.34 -24.98
CA GLY B 28 -12.79 4.60 -24.43
C GLY B 28 -13.86 5.48 -23.80
N ASP B 29 -14.81 4.84 -23.11
CA ASP B 29 -15.96 5.54 -22.57
C ASP B 29 -16.10 5.37 -21.05
N THR B 30 -14.99 5.12 -20.36
CA THR B 30 -15.06 4.81 -18.93
C THR B 30 -14.25 5.73 -18.00
N PHE B 31 -13.96 6.93 -18.47
CA PHE B 31 -13.03 7.86 -17.80
C PHE B 31 -13.41 8.37 -16.41
N SER B 32 -14.65 8.84 -16.26
CA SER B 32 -15.07 9.60 -15.09
C SER B 32 -14.95 8.83 -13.77
N SER B 33 -15.01 7.50 -13.86
CA SER B 33 -14.96 6.68 -12.66
C SER B 33 -13.52 6.47 -12.18
N TYR B 34 -12.54 6.82 -13.01
CA TYR B 34 -11.13 6.62 -12.64
C TYR B 34 -10.56 7.76 -11.80
N SER B 35 -9.74 7.41 -10.80
CA SER B 35 -8.89 8.40 -10.16
C SER B 35 -7.67 8.59 -11.05
N MET B 36 -7.26 9.83 -11.27
CA MET B 36 -6.14 10.10 -12.18
C MET B 36 -4.97 10.71 -11.42
N ALA B 37 -3.77 10.44 -11.91
CA ALA B 37 -2.56 10.90 -11.24
C ALA B 37 -1.46 11.22 -12.24
N TRP B 38 -0.58 12.12 -11.82
CA TRP B 38 0.65 12.42 -12.55
C TRP B 38 1.83 12.00 -11.70
N PHE B 39 2.72 11.21 -12.30
CA PHE B 39 3.96 10.79 -11.65
C PHE B 39 5.09 11.44 -12.42
N ARG B 40 6.25 11.57 -11.79
CA ARG B 40 7.43 12.02 -12.52
C ARG B 40 8.68 11.34 -11.98
N GLN B 41 9.64 11.09 -12.87
CA GLN B 41 10.90 10.51 -12.45
C GLN B 41 12.07 11.13 -13.19
N ALA B 42 13.00 11.65 -12.41
CA ALA B 42 14.27 12.16 -12.95
C ALA B 42 15.33 11.07 -12.86
N PRO B 43 16.36 11.14 -13.72
CA PRO B 43 17.43 10.13 -13.70
C PRO B 43 18.04 9.95 -12.30
N GLY B 44 18.13 8.69 -11.88
CA GLY B 44 18.79 8.35 -10.63
C GLY B 44 18.02 8.65 -9.35
N LYS B 45 16.74 9.02 -9.49
CA LYS B 45 15.93 9.37 -8.33
C LYS B 45 14.71 8.47 -8.23
N GLU B 46 14.10 8.43 -7.04
CA GLU B 46 12.85 7.70 -6.91
C GLU B 46 11.79 8.40 -7.72
N CYS B 47 10.86 7.61 -8.23
CA CYS B 47 9.68 8.16 -8.88
C CYS B 47 8.85 8.86 -7.82
N GLU B 48 8.16 9.91 -8.24
CA GLU B 48 7.34 10.71 -7.34
C GLU B 48 5.93 10.81 -7.90
N LEU B 49 4.92 10.56 -7.05
CA LEU B 49 3.54 10.82 -7.42
C LEU B 49 3.33 12.29 -7.09
N VAL B 50 3.22 13.14 -8.11
CA VAL B 50 3.22 14.58 -7.85
C VAL B 50 1.85 15.20 -7.63
N SER B 51 0.82 14.62 -8.23
CA SER B 51 -0.52 15.17 -8.05
C SER B 51 -1.59 14.13 -8.36
N ASN B 52 -2.69 14.16 -7.60
CA ASN B 52 -3.86 13.30 -7.85
C ASN B 52 -5.09 14.13 -8.07
N ILE B 53 -6.01 13.60 -8.86
CA ILE B 53 -7.39 14.05 -8.82
C ILE B 53 -8.28 12.82 -8.73
N LEU B 54 -8.89 12.65 -7.58
CA LEU B 54 -9.64 11.42 -7.31
C LEU B 54 -10.96 11.40 -8.04
N ARG B 55 -11.64 10.26 -7.99
CA ARG B 55 -12.97 10.15 -8.56
C ARG B 55 -13.89 11.20 -7.97
N ASP B 56 -13.78 11.41 -6.65
CA ASP B 56 -14.66 12.38 -5.99
C ASP B 56 -14.28 13.84 -6.21
N GLY B 57 -13.22 14.08 -6.99
CA GLY B 57 -12.80 15.43 -7.34
C GLY B 57 -11.68 16.00 -6.47
N THR B 58 -11.36 15.32 -5.38
CA THR B 58 -10.34 15.77 -4.45
C THR B 58 -8.96 15.86 -5.13
N THR B 59 -8.27 16.97 -4.93
CA THR B 59 -6.92 17.12 -5.47
C THR B 59 -5.86 17.18 -4.38
N THR B 60 -4.69 16.60 -4.67
CA THR B 60 -3.54 16.68 -3.79
C THR B 60 -2.28 16.94 -4.60
N TYR B 61 -1.27 17.50 -3.93
CA TYR B 61 -0.02 17.91 -4.57
C TYR B 61 1.17 17.65 -3.68
N ALA B 62 2.26 17.17 -4.26
CA ALA B 62 3.51 17.06 -3.52
C ALA B 62 3.89 18.45 -3.01
N GLY B 63 4.50 18.51 -1.84
CA GLY B 63 4.83 19.80 -1.24
C GLY B 63 5.65 20.73 -2.14
N SER B 64 6.53 20.15 -2.93
CA SER B 64 7.45 20.94 -3.75
C SER B 64 6.79 21.62 -4.94
N VAL B 65 5.56 21.21 -5.28
CA VAL B 65 4.87 21.78 -6.43
C VAL B 65 3.59 22.52 -6.05
N LYS B 66 3.18 22.39 -4.79
CA LYS B 66 1.99 23.08 -4.31
C LYS B 66 2.09 24.57 -4.63
N GLY B 67 1.04 25.12 -5.22
CA GLY B 67 1.04 26.54 -5.56
C GLY B 67 1.60 26.84 -6.94
N ARG B 68 2.31 25.88 -7.54
CA ARG B 68 2.83 26.06 -8.89
C ARG B 68 2.14 25.12 -9.90
N PHE B 69 1.72 23.95 -9.43
CA PHE B 69 1.06 22.97 -10.28
C PHE B 69 -0.43 22.93 -9.98
N THR B 70 -1.23 22.76 -11.02
CA THR B 70 -2.67 22.60 -10.89
C THR B 70 -3.12 21.43 -11.75
N ILE B 71 -3.73 20.44 -11.11
CA ILE B 71 -4.29 19.30 -11.81
C ILE B 71 -5.79 19.52 -12.03
N SER B 72 -6.30 19.04 -13.15
CA SER B 72 -7.72 19.16 -13.45
C SER B 72 -8.12 18.08 -14.44
N ARG B 73 -9.42 17.82 -14.55
CA ARG B 73 -9.90 16.81 -15.47
C ARG B 73 -11.12 17.31 -16.23
N ASP B 74 -11.32 16.73 -17.40
CA ASP B 74 -12.49 17.04 -18.21
C ASP B 74 -13.15 15.70 -18.52
N ASP B 75 -14.31 15.47 -17.91
CA ASP B 75 -14.97 14.18 -18.03
C ASP B 75 -15.80 14.06 -19.31
N ALA B 76 -15.80 15.13 -20.11
CA ALA B 76 -16.40 15.09 -21.44
C ALA B 76 -15.34 14.71 -22.48
N LYS B 77 -14.16 15.31 -22.35
CA LYS B 77 -13.06 15.05 -23.27
C LYS B 77 -12.20 13.87 -22.82
N ASN B 78 -12.54 13.35 -21.63
CA ASN B 78 -11.79 12.25 -21.03
C ASN B 78 -10.31 12.53 -21.00
N THR B 79 -9.96 13.65 -20.39
CA THR B 79 -8.59 14.11 -20.32
CA THR B 79 -8.59 14.10 -20.32
C THR B 79 -8.27 14.62 -18.92
N VAL B 80 -7.01 14.48 -18.53
CA VAL B 80 -6.52 15.08 -17.29
C VAL B 80 -5.35 15.97 -17.66
N TYR B 81 -5.17 17.06 -16.92
CA TYR B 81 -4.17 18.07 -17.24
C TYR B 81 -3.28 18.36 -16.04
N LEU B 82 -2.06 18.78 -16.31
CA LEU B 82 -1.19 19.30 -15.25
C LEU B 82 -0.64 20.63 -15.72
N GLN B 83 -1.20 21.71 -15.19
CA GLN B 83 -0.70 23.04 -15.51
C GLN B 83 0.45 23.37 -14.58
N MET B 84 1.60 23.67 -15.16
CA MET B 84 2.79 23.96 -14.37
C MET B 84 3.22 25.40 -14.62
N VAL B 85 3.38 26.18 -13.56
CA VAL B 85 3.83 27.57 -13.67
CA VAL B 85 3.85 27.56 -13.70
C VAL B 85 5.12 27.78 -12.88
N ASN B 86 5.92 28.75 -13.30
CA ASN B 86 7.22 28.98 -12.69
C ASN B 86 8.03 27.69 -12.56
N LEU B 87 8.28 27.04 -13.68
CA LEU B 87 9.06 25.80 -13.67
C LEU B 87 10.48 26.04 -13.20
N LYS B 88 11.04 25.05 -12.51
CA LYS B 88 12.40 25.11 -11.98
C LYS B 88 13.19 23.91 -12.47
N SER B 89 14.51 23.98 -12.38
CA SER B 89 15.37 22.87 -12.79
CA SER B 89 15.36 22.87 -12.80
C SER B 89 14.96 21.58 -12.09
N GLU B 90 14.52 21.70 -10.84
CA GLU B 90 14.11 20.54 -10.05
C GLU B 90 12.94 19.78 -10.67
N ASP B 91 12.20 20.44 -11.55
CA ASP B 91 11.03 19.85 -12.20
C ASP B 91 11.36 19.01 -13.44
N THR B 92 12.61 19.05 -13.88
CA THR B 92 13.02 18.24 -15.03
C THR B 92 12.84 16.75 -14.70
N ALA B 93 12.11 16.06 -15.55
CA ALA B 93 11.84 14.63 -15.36
C ALA B 93 10.99 14.12 -16.52
N ARG B 94 10.82 12.80 -16.59
CA ARG B 94 9.79 12.25 -17.47
C ARG B 94 8.51 12.16 -16.65
N TYR B 95 7.43 12.69 -17.21
CA TYR B 95 6.14 12.74 -16.54
C TYR B 95 5.19 11.70 -17.11
N TYR B 96 4.53 10.95 -16.22
CA TYR B 96 3.60 9.91 -16.64
C TYR B 96 2.18 10.16 -16.13
N CYS B 97 1.21 9.93 -16.99
CA CYS B 97 -0.21 9.92 -16.65
C CYS B 97 -0.58 8.50 -16.21
N ALA B 98 -1.45 8.39 -15.21
CA ALA B 98 -1.95 7.09 -14.78
C ALA B 98 -3.41 7.17 -14.37
N ALA B 99 -4.13 6.06 -14.54
CA ALA B 99 -5.54 5.98 -14.18
C ALA B 99 -5.76 4.73 -13.36
N ASP B 100 -6.61 4.82 -12.33
CA ASP B 100 -6.87 3.66 -11.49
C ASP B 100 -8.28 3.62 -10.93
N SER B 101 -8.82 2.41 -10.84
CA SER B 101 -10.18 2.18 -10.37
C SER B 101 -10.18 1.53 -8.99
N GLY B 102 -8.99 1.31 -8.43
CA GLY B 102 -8.86 0.73 -7.11
C GLY B 102 -8.84 1.79 -6.03
N THR B 103 -8.30 1.45 -4.86
CA THR B 103 -8.27 2.41 -3.75
C THR B 103 -7.27 3.54 -4.01
N GLN B 104 -7.77 4.77 -4.05
CA GLN B 104 -6.90 5.93 -4.21
C GLN B 104 -7.28 6.97 -3.17
N LEU B 105 -6.29 7.38 -2.36
CA LEU B 105 -6.54 8.21 -1.20
C LEU B 105 -5.85 9.57 -1.30
N GLY B 106 -5.09 9.78 -2.37
CA GLY B 106 -4.43 11.05 -2.56
C GLY B 106 -2.97 11.09 -2.12
N TYR B 107 -2.36 9.93 -1.92
CA TYR B 107 -0.93 9.87 -1.62
C TYR B 107 -0.12 10.70 -2.63
N VAL B 108 0.77 11.55 -2.12
CA VAL B 108 1.76 12.22 -2.96
C VAL B 108 3.14 12.10 -2.31
N GLY B 109 4.18 12.02 -3.14
CA GLY B 109 5.54 11.86 -2.66
C GLY B 109 6.26 10.72 -3.36
N ALA B 110 7.41 10.32 -2.80
CA ALA B 110 8.19 9.23 -3.38
C ALA B 110 7.44 7.91 -3.35
N VAL B 111 7.59 7.11 -4.40
CA VAL B 111 6.89 5.82 -4.45
C VAL B 111 7.82 4.62 -4.67
N GLY B 112 9.11 4.88 -4.79
CA GLY B 112 10.06 3.80 -5.01
C GLY B 112 10.88 4.05 -6.26
N LEU B 113 11.78 3.12 -6.57
CA LEU B 113 12.67 3.31 -7.70
C LEU B 113 11.99 3.12 -9.06
N SER B 114 10.79 2.56 -9.07
CA SER B 114 10.00 2.45 -10.29
C SER B 114 8.61 3.03 -10.04
N CYS B 115 8.11 3.82 -10.99
CA CYS B 115 6.78 4.37 -10.85
C CYS B 115 5.76 3.24 -10.71
N LEU B 116 6.04 2.10 -11.33
CA LEU B 116 5.10 0.98 -11.34
C LEU B 116 4.96 0.31 -9.97
N ASP B 117 5.85 0.66 -9.04
CA ASP B 117 5.76 0.14 -7.67
C ASP B 117 4.47 0.61 -7.00
N TYR B 118 3.97 1.75 -7.47
CA TYR B 118 2.68 2.25 -7.05
C TYR B 118 1.67 1.73 -8.08
N VAL B 119 0.98 0.64 -7.75
CA VAL B 119 0.24 -0.08 -8.78
C VAL B 119 -0.99 0.67 -9.30
N MET B 120 -1.01 0.88 -10.60
CA MET B 120 -2.14 1.55 -11.27
C MET B 120 -2.66 0.70 -12.42
N ASP B 121 -3.99 0.75 -12.63
CA ASP B 121 -4.63 0.04 -13.74
C ASP B 121 -4.01 0.36 -15.11
N TYR B 122 -3.80 1.64 -15.39
CA TYR B 122 -3.31 2.07 -16.70
C TYR B 122 -2.25 3.15 -16.60
N TRP B 123 -1.29 3.10 -17.52
CA TRP B 123 -0.17 4.03 -17.54
C TRP B 123 0.04 4.55 -18.96
N GLY B 124 0.33 5.84 -19.07
CA GLY B 124 0.84 6.37 -20.33
C GLY B 124 2.32 6.05 -20.47
N LYS B 125 2.88 6.27 -21.65
CA LYS B 125 4.30 6.01 -21.87
C LYS B 125 5.15 7.19 -21.40
N GLY B 126 4.48 8.28 -21.03
CA GLY B 126 5.16 9.43 -20.46
C GLY B 126 5.66 10.45 -21.46
N THR B 127 6.07 11.61 -20.96
CA THR B 127 6.63 12.64 -21.81
C THR B 127 7.72 13.39 -21.06
N GLN B 128 8.81 13.68 -21.76
CA GLN B 128 9.93 14.37 -21.13
C GLN B 128 9.66 15.86 -20.96
N VAL B 129 10.02 16.38 -19.80
CA VAL B 129 9.98 17.82 -19.54
C VAL B 129 11.37 18.23 -19.10
N THR B 130 11.99 19.13 -19.84
CA THR B 130 13.35 19.57 -19.54
C THR B 130 13.40 21.07 -19.33
N VAL B 131 13.72 21.48 -18.11
CA VAL B 131 13.75 22.89 -17.74
C VAL B 131 15.18 23.42 -17.80
N SER B 132 15.39 24.45 -18.60
CA SER B 132 16.73 24.99 -18.82
C SER B 132 16.93 26.31 -18.08
#